data_3FGE
#
_entry.id   3FGE
#
_cell.length_a   58.351
_cell.length_b   65.502
_cell.length_c   96.791
_cell.angle_alpha   90.000
_cell.angle_beta   90.000
_cell.angle_gamma   90.000
#
_symmetry.space_group_name_H-M   'C 2 2 21'
#
loop_
_entity.id
_entity.type
_entity.pdbx_description
1 polymer 'putative flavin reductase with split barrel domain'
2 non-polymer 'CALCIUM ION'
3 non-polymer 1,2-ETHANEDIOL
4 water water
#
_entity_poly.entity_id   1
_entity_poly.type   'polypeptide(L)'
_entity_poly.pdbx_seq_one_letter_code
;G(MSE)HFSKEHINALETRTRAHFINSLSGFKSANLIGTQDRQGNTNLSIVSSVIHLGANPPL(MSE)G(MSE)IIRPHS
VPRHTFENI(MSE)QTGLYTINHVNQSIYEQAHQTSARYDKDESEFEATGLTPEYLSDFCAPFVKESRLKYSVKLVEHQH
LAINGTEFVIGEIVDVYVDDNAVQTDGFIDLQAIDTVAISGLDCYYTGDKLARLPYAKK
;
_entity_poly.pdbx_strand_id   A
#
loop_
_chem_comp.id
_chem_comp.type
_chem_comp.name
_chem_comp.formula
CA non-polymer 'CALCIUM ION' 'Ca 2'
EDO non-polymer 1,2-ETHANEDIOL 'C2 H6 O2'
#
# COMPACT_ATOMS: atom_id res chain seq x y z
N GLY A 1 -10.70 -22.33 -23.82
CA GLY A 1 -10.13 -22.14 -22.46
C GLY A 1 -8.79 -22.83 -22.39
N MSE A 2 -7.82 -22.14 -21.78
CA MSE A 2 -6.53 -22.72 -21.70
C MSE A 2 -6.34 -23.22 -20.27
O MSE A 2 -6.86 -22.64 -19.33
CB MSE A 2 -5.48 -21.70 -22.05
CG MSE A 2 -4.11 -22.23 -21.87
SE MSE A 2 -3.59 -23.63 -23.12
CE MSE A 2 -1.80 -23.94 -22.26
N HIS A 3 -5.56 -24.29 -20.14
CA HIS A 3 -5.28 -24.87 -18.87
C HIS A 3 -3.80 -24.92 -18.61
N PHE A 4 -3.38 -24.27 -17.52
CA PHE A 4 -2.02 -24.27 -17.03
C PHE A 4 -1.96 -25.12 -15.76
N SER A 5 -1.28 -26.24 -15.86
CA SER A 5 -1.18 -27.14 -14.79
C SER A 5 -0.10 -26.68 -13.86
N LYS A 6 -0.12 -27.29 -12.67
CA LYS A 6 0.90 -27.07 -11.67
C LYS A 6 2.33 -27.23 -12.23
N GLU A 7 2.52 -28.31 -12.97
CA GLU A 7 3.81 -28.59 -13.61
C GLU A 7 4.22 -27.56 -14.66
N HIS A 8 3.25 -27.10 -15.46
CA HIS A 8 3.46 -26.10 -16.49
C HIS A 8 3.87 -24.78 -15.88
N ILE A 9 3.20 -24.40 -14.79
CA ILE A 9 3.48 -23.18 -14.07
C ILE A 9 4.91 -23.23 -13.50
N ASN A 10 5.30 -24.35 -12.92
N ASN A 10 5.27 -24.36 -12.91
CA ASN A 10 6.64 -24.53 -12.39
CA ASN A 10 6.62 -24.63 -12.39
C ASN A 10 7.74 -24.50 -13.44
C ASN A 10 7.73 -24.52 -13.44
N ALA A 11 7.38 -24.82 -14.69
CA ALA A 11 8.28 -24.81 -15.80
C ALA A 11 8.63 -23.42 -16.29
N LEU A 12 7.76 -22.45 -16.02
CA LEU A 12 7.95 -21.13 -16.52
C LEU A 12 9.18 -20.47 -15.97
N GLU A 13 9.81 -19.60 -16.74
CA GLU A 13 10.97 -18.86 -16.23
C GLU A 13 10.52 -17.98 -15.07
N THR A 14 11.42 -17.72 -14.14
CA THR A 14 11.11 -16.98 -12.92
C THR A 14 10.29 -15.71 -13.16
N ARG A 15 10.73 -14.84 -14.07
CA ARG A 15 10.01 -13.56 -14.28
C ARG A 15 8.62 -13.78 -14.91
N THR A 16 8.50 -14.68 -15.87
CA THR A 16 7.18 -15.05 -16.46
C THR A 16 6.23 -15.63 -15.43
N ARG A 17 6.74 -16.57 -14.63
CA ARG A 17 5.90 -17.14 -13.56
C ARG A 17 5.47 -16.04 -12.58
N ALA A 18 6.37 -15.08 -12.30
CA ALA A 18 6.10 -13.95 -11.41
C ALA A 18 4.94 -13.11 -11.95
N HIS A 19 5.04 -12.68 -13.19
CA HIS A 19 3.96 -11.90 -13.77
C HIS A 19 2.62 -12.65 -13.75
N PHE A 20 2.71 -13.95 -14.09
CA PHE A 20 1.52 -14.82 -14.18
C PHE A 20 0.85 -15.03 -12.82
N ILE A 21 1.59 -15.50 -11.83
CA ILE A 21 0.97 -15.74 -10.51
C ILE A 21 0.51 -14.43 -9.87
N ASN A 22 1.29 -13.36 -10.03
CA ASN A 22 0.90 -12.08 -9.44
C ASN A 22 -0.37 -11.52 -10.09
N SER A 23 -0.70 -11.95 -11.31
CA SER A 23 -1.96 -11.57 -11.95
C SER A 23 -3.20 -12.29 -11.40
N LEU A 24 -3.00 -13.44 -10.77
CA LEU A 24 -4.10 -14.30 -10.42
C LEU A 24 -4.99 -13.77 -9.27
N SER A 25 -4.50 -12.90 -8.40
CA SER A 25 -5.34 -12.45 -7.26
C SER A 25 -6.50 -11.58 -7.72
N GLY A 26 -6.35 -10.98 -8.88
CA GLY A 26 -7.32 -9.98 -9.33
C GLY A 26 -6.76 -8.59 -9.02
N PHE A 27 -7.61 -7.57 -9.04
CA PHE A 27 -7.12 -6.21 -8.76
C PHE A 27 -6.59 -6.10 -7.32
N LYS A 28 -5.60 -5.24 -7.18
CA LYS A 28 -4.95 -4.97 -5.94
C LYS A 28 -4.93 -3.46 -5.69
N SER A 29 -4.83 -3.08 -4.42
CA SER A 29 -4.76 -1.67 -4.08
C SER A 29 -3.35 -1.13 -4.29
N ALA A 30 -3.23 0.15 -4.64
CA ALA A 30 -1.95 0.82 -4.84
C ALA A 30 -1.82 1.87 -3.73
N ASN A 31 -0.93 1.60 -2.75
CA ASN A 31 -0.70 2.45 -1.59
C ASN A 31 0.77 2.74 -1.38
N LEU A 32 1.06 3.96 -0.98
CA LEU A 32 2.42 4.37 -0.59
C LEU A 32 2.50 4.28 0.92
N ILE A 33 3.55 3.63 1.40
CA ILE A 33 3.77 3.45 2.83
C ILE A 33 4.88 4.42 3.27
N GLY A 34 4.53 5.38 4.09
CA GLY A 34 5.46 6.40 4.57
C GLY A 34 6.01 6.01 5.94
N THR A 35 7.32 6.08 6.08
CA THR A 35 7.96 5.74 7.34
C THR A 35 9.18 6.67 7.64
N GLN A 36 9.73 6.53 8.83
CA GLN A 36 11.01 7.16 9.16
C GLN A 36 11.67 6.38 10.26
N ASP A 37 12.99 6.48 10.31
CA ASP A 37 13.72 5.84 11.37
C ASP A 37 13.71 6.72 12.64
N ARG A 38 14.35 6.26 13.71
CA ARG A 38 14.38 7.02 14.95
C ARG A 38 15.17 8.34 14.88
N GLN A 39 16.00 8.49 13.86
CA GLN A 39 16.74 9.73 13.66
C GLN A 39 16.01 10.69 12.71
N GLY A 40 14.82 10.31 12.22
CA GLY A 40 14.05 11.17 11.36
C GLY A 40 14.30 11.03 9.88
N ASN A 41 15.10 10.06 9.47
CA ASN A 41 15.32 9.79 8.06
C ASN A 41 14.09 9.16 7.46
N THR A 42 13.50 9.76 6.43
CA THR A 42 12.28 9.23 5.87
C THR A 42 12.49 8.21 4.75
N ASN A 43 11.44 7.41 4.56
CA ASN A 43 11.35 6.44 3.49
C ASN A 43 9.92 6.38 2.97
N LEU A 44 9.78 5.84 1.75
CA LEU A 44 8.49 5.71 1.08
C LEU A 44 8.57 4.54 0.14
N SER A 45 7.56 3.63 0.20
CA SER A 45 7.51 2.47 -0.64
C SER A 45 6.13 2.23 -1.17
N ILE A 46 6.02 1.81 -2.43
CA ILE A 46 4.72 1.41 -2.98
C ILE A 46 4.49 -0.04 -2.61
N VAL A 47 3.27 -0.36 -2.21
N VAL A 47 3.25 -0.34 -2.19
CA VAL A 47 2.92 -1.72 -1.93
CA VAL A 47 2.84 -1.65 -1.68
C VAL A 47 1.57 -1.98 -2.56
C VAL A 47 1.45 -2.04 -2.21
N SER A 48 1.32 -3.24 -2.80
CA SER A 48 0.06 -3.69 -3.41
C SER A 48 -0.67 -4.68 -2.51
N SER A 49 -0.24 -4.81 -1.26
CA SER A 49 -0.77 -5.83 -0.36
C SER A 49 -1.57 -5.37 0.85
N VAL A 50 -2.00 -4.11 0.87
CA VAL A 50 -2.79 -3.67 2.00
C VAL A 50 -4.13 -4.35 1.94
N ILE A 51 -4.53 -4.89 3.08
CA ILE A 51 -5.76 -5.64 3.18
C ILE A 51 -6.55 -5.22 4.41
N HIS A 52 -7.85 -5.09 4.24
CA HIS A 52 -8.70 -4.76 5.33
C HIS A 52 -8.79 -5.90 6.35
N LEU A 53 -8.67 -5.63 7.64
CA LEU A 53 -8.81 -6.72 8.65
C LEU A 53 -10.03 -6.52 9.50
N GLY A 54 -10.41 -5.28 9.74
CA GLY A 54 -11.62 -5.03 10.53
C GLY A 54 -11.91 -3.56 10.72
N ALA A 55 -13.15 -3.25 11.06
CA ALA A 55 -13.60 -1.89 11.27
C ALA A 55 -13.72 -1.52 12.76
N ASN A 56 -13.81 -2.53 13.62
N ASN A 56 -13.82 -2.51 13.63
CA ASN A 56 -13.98 -2.30 15.04
CA ASN A 56 -13.93 -2.25 15.07
C ASN A 56 -13.21 -3.38 15.82
C ASN A 56 -13.21 -3.35 15.83
N PRO A 57 -11.93 -3.10 16.17
CA PRO A 57 -11.20 -1.87 15.95
C PRO A 57 -10.75 -1.82 14.49
N PRO A 58 -10.44 -0.62 13.99
CA PRO A 58 -10.01 -0.43 12.62
C PRO A 58 -8.60 -0.95 12.40
N LEU A 59 -8.49 -2.11 11.74
CA LEU A 59 -7.19 -2.81 11.53
C LEU A 59 -6.92 -3.02 10.07
N MSE A 60 -5.68 -2.78 9.66
CA MSE A 60 -5.27 -2.91 8.29
C MSE A 60 -4.07 -3.85 8.32
O MSE A 60 -3.25 -3.77 9.26
CB MSE A 60 -4.98 -1.52 7.77
CG MSE A 60 -4.98 -1.30 6.34
SE MSE A 60 -6.79 -1.43 5.59
CE MSE A 60 -7.77 -0.76 6.97
N GLY A 61 -3.99 -4.76 7.36
CA GLY A 61 -2.88 -5.69 7.30
C GLY A 61 -2.10 -5.40 6.03
N MSE A 62 -0.85 -5.81 5.97
CA MSE A 62 -0.10 -5.76 4.69
C MSE A 62 0.94 -6.87 4.69
O MSE A 62 1.33 -7.31 5.73
CB MSE A 62 0.51 -4.39 4.40
CG MSE A 62 1.50 -3.98 5.30
SE MSE A 62 2.18 -2.20 4.71
CE MSE A 62 3.47 -2.11 6.04
N ILE A 63 1.30 -7.37 3.51
CA ILE A 63 2.34 -8.41 3.39
C ILE A 63 3.60 -7.76 2.82
N ILE A 64 4.72 -7.94 3.49
CA ILE A 64 6.01 -7.40 3.00
C ILE A 64 6.77 -8.53 2.33
N ARG A 65 7.26 -8.25 1.12
CA ARG A 65 7.94 -9.22 0.24
C ARG A 65 9.13 -9.86 0.90
N PRO A 66 9.33 -11.16 0.62
CA PRO A 66 10.39 -12.04 1.07
C PRO A 66 11.73 -11.48 0.69
N PRO A 70 11.77 -2.51 -0.24
CA PRO A 70 13.08 -2.38 0.43
C PRO A 70 13.04 -2.74 1.91
N ARG A 71 14.22 -3.04 2.46
CA ARG A 71 14.33 -3.41 3.87
C ARG A 71 13.89 -2.27 4.78
N HIS A 72 14.13 -1.03 4.39
CA HIS A 72 13.91 0.04 5.32
C HIS A 72 12.49 0.30 5.76
N THR A 73 11.53 0.11 4.88
CA THR A 73 10.12 0.29 5.25
C THR A 73 9.72 -0.65 6.41
N PHE A 74 10.02 -1.95 6.30
CA PHE A 74 9.73 -2.90 7.36
C PHE A 74 10.55 -2.59 8.60
N GLU A 75 11.83 -2.28 8.40
CA GLU A 75 12.72 -1.97 9.53
C GLU A 75 12.22 -0.77 10.32
N ASN A 76 11.83 0.30 9.61
CA ASN A 76 11.30 1.50 10.27
C ASN A 76 10.05 1.17 11.03
N ILE A 77 9.18 0.36 10.45
CA ILE A 77 7.93 0.00 11.12
C ILE A 77 8.25 -0.78 12.40
N MSE A 78 9.14 -1.73 12.28
CA MSE A 78 9.53 -2.49 13.48
C MSE A 78 10.21 -1.67 14.57
O MSE A 78 9.99 -1.92 15.78
CB MSE A 78 10.47 -3.65 13.13
CG MSE A 78 9.92 -4.68 12.24
SE MSE A 78 8.35 -5.53 12.96
CE MSE A 78 6.93 -4.32 12.36
N GLN A 79 11.04 -0.69 14.18
CA GLN A 79 11.78 0.13 15.14
C GLN A 79 10.97 1.25 15.77
N THR A 80 10.07 1.87 15.01
CA THR A 80 9.27 2.98 15.55
C THR A 80 7.79 2.65 15.78
N GLY A 81 7.27 1.62 15.14
CA GLY A 81 5.87 1.18 15.29
C GLY A 81 4.88 2.11 14.63
N LEU A 82 5.37 2.98 13.77
CA LEU A 82 4.52 3.97 13.11
C LEU A 82 4.71 4.01 11.60
N TYR A 83 3.59 4.17 10.92
CA TYR A 83 3.63 4.35 9.45
C TYR A 83 2.39 4.97 8.96
N THR A 84 2.47 5.51 7.74
CA THR A 84 1.30 6.10 7.03
C THR A 84 0.99 5.28 5.82
N ILE A 85 -0.31 5.21 5.46
CA ILE A 85 -0.77 4.51 4.26
C ILE A 85 -1.46 5.57 3.46
N ASN A 86 -1.05 5.72 2.22
CA ASN A 86 -1.47 6.82 1.32
C ASN A 86 -1.94 6.30 -0.03
N HIS A 87 -3.20 6.53 -0.43
CA HIS A 87 -3.63 6.10 -1.72
C HIS A 87 -2.85 6.72 -2.84
N VAL A 88 -2.44 5.87 -3.76
CA VAL A 88 -1.86 6.36 -5.01
C VAL A 88 -3.01 6.83 -5.88
N ASN A 89 -2.76 7.90 -6.64
CA ASN A 89 -3.77 8.39 -7.59
C ASN A 89 -3.16 8.55 -8.95
N GLN A 90 -4.01 8.84 -9.93
CA GLN A 90 -3.57 8.92 -11.33
C GLN A 90 -2.49 9.94 -11.59
N SER A 91 -2.48 11.02 -10.82
CA SER A 91 -1.49 12.07 -10.99
C SER A 91 -0.15 11.68 -10.50
N ILE A 92 -0.09 10.71 -9.60
CA ILE A 92 1.20 10.35 -9.00
C ILE A 92 1.63 8.90 -9.15
N TYR A 93 0.96 8.11 -9.99
CA TYR A 93 1.29 6.69 -10.01
C TYR A 93 2.67 6.44 -10.61
N GLU A 94 3.11 7.27 -11.56
CA GLU A 94 4.46 7.14 -12.12
C GLU A 94 5.53 7.36 -11.04
N GLN A 95 5.37 8.42 -10.26
CA GLN A 95 6.33 8.65 -9.14
C GLN A 95 6.25 7.59 -8.05
N ALA A 96 5.04 7.12 -7.76
CA ALA A 96 4.85 6.05 -6.81
C ALA A 96 5.62 4.82 -7.26
N HIS A 97 5.46 4.45 -8.54
CA HIS A 97 6.19 3.32 -9.08
C HIS A 97 7.70 3.49 -8.93
N GLN A 98 8.19 4.71 -9.15
CA GLN A 98 9.61 5.00 -9.04
C GLN A 98 10.17 4.75 -7.62
N THR A 99 9.35 4.89 -6.57
CA THR A 99 9.85 4.59 -5.22
C THR A 99 10.39 3.17 -5.04
N SER A 100 9.95 2.25 -5.89
CA SER A 100 10.37 0.86 -5.79
C SER A 100 11.77 0.63 -6.37
N ALA A 101 12.37 1.63 -7.03
CA ALA A 101 13.74 1.49 -7.49
C ALA A 101 14.69 1.28 -6.29
N ARG A 102 15.86 0.70 -6.54
CA ARG A 102 16.86 0.54 -5.49
C ARG A 102 17.64 1.86 -5.35
N TYR A 103 17.60 2.46 -4.16
CA TYR A 103 18.31 3.73 -3.92
C TYR A 103 19.46 3.57 -2.93
N ASP A 104 20.31 4.62 -2.83
CA ASP A 104 21.39 4.61 -1.87
C ASP A 104 20.83 4.27 -0.49
N LYS A 105 21.67 3.70 0.37
CA LYS A 105 21.26 3.34 1.73
C LYS A 105 20.53 4.49 2.45
N ASP A 106 21.11 5.68 2.41
CA ASP A 106 20.54 6.84 3.09
C ASP A 106 19.73 7.78 2.20
N GLU A 107 19.21 7.28 1.08
CA GLU A 107 18.46 8.10 0.16
C GLU A 107 16.97 7.91 0.33
N SER A 108 16.30 8.96 0.78
CA SER A 108 14.86 8.91 0.94
C SER A 108 14.15 8.89 -0.41
N GLU A 109 13.15 8.03 -0.57
CA GLU A 109 12.41 7.98 -1.82
C GLU A 109 11.56 9.23 -1.99
N PHE A 110 11.26 9.98 -0.90
CA PHE A 110 10.60 11.26 -1.06
C PHE A 110 11.57 12.18 -1.82
N GLU A 111 12.80 12.23 -1.34
CA GLU A 111 13.80 13.13 -1.91
C GLU A 111 14.08 12.74 -3.35
N ALA A 112 14.18 11.43 -3.60
CA ALA A 112 14.50 10.91 -4.92
C ALA A 112 13.41 11.05 -6.01
N THR A 113 12.17 11.30 -5.62
CA THR A 113 11.04 11.36 -6.52
C THR A 113 10.30 12.69 -6.38
N GLY A 114 9.30 12.87 -7.24
CA GLY A 114 8.53 14.12 -7.22
C GLY A 114 7.50 14.21 -6.10
N LEU A 115 7.42 13.17 -5.27
CA LEU A 115 6.47 13.17 -4.16
C LEU A 115 7.02 13.97 -3.00
N THR A 116 6.10 14.49 -2.17
CA THR A 116 6.41 15.45 -1.14
C THR A 116 5.95 14.97 0.23
N PRO A 117 6.85 14.99 1.22
CA PRO A 117 6.40 14.60 2.56
C PRO A 117 5.56 15.65 3.25
N GLU A 118 4.79 15.20 4.24
CA GLU A 118 3.89 16.04 4.99
C GLU A 118 3.66 15.43 6.35
N TYR A 119 3.86 16.22 7.40
CA TYR A 119 3.61 15.78 8.77
C TYR A 119 2.29 16.36 9.25
N LEU A 120 1.52 15.51 9.91
CA LEU A 120 0.18 15.94 10.38
C LEU A 120 -0.10 15.47 11.78
N SER A 121 -0.78 16.32 12.58
CA SER A 121 -1.26 15.99 13.95
C SER A 121 -0.24 15.35 14.88
N ASP A 122 0.97 15.84 14.87
CA ASP A 122 2.06 15.32 15.73
C ASP A 122 2.44 13.84 15.48
N PHE A 123 2.08 13.30 14.33
CA PHE A 123 2.39 11.89 14.04
C PHE A 123 3.80 11.81 13.46
N CYS A 124 4.69 11.00 14.06
CA CYS A 124 6.09 10.88 13.64
C CYS A 124 6.37 9.85 12.54
N ALA A 125 5.63 9.98 11.44
CA ALA A 125 5.89 9.27 10.20
C ALA A 125 5.29 10.19 9.09
N PRO A 126 5.98 10.30 7.95
CA PRO A 126 5.52 11.26 6.97
C PRO A 126 4.38 10.72 6.12
N PHE A 127 3.48 11.63 5.74
CA PHE A 127 2.42 11.40 4.80
C PHE A 127 2.89 11.81 3.41
N VAL A 128 2.17 11.43 2.37
CA VAL A 128 2.45 11.89 1.01
C VAL A 128 1.51 13.07 0.79
N LYS A 129 2.07 14.25 0.57
CA LYS A 129 1.26 15.45 0.45
C LYS A 129 0.23 15.31 -0.67
N GLU A 130 0.67 14.70 -1.76
CA GLU A 130 -0.13 14.58 -2.98
C GLU A 130 -1.28 13.54 -2.94
N SER A 131 -1.29 12.72 -1.93
CA SER A 131 -2.32 11.71 -1.77
C SER A 131 -3.60 12.34 -1.22
N ARG A 132 -4.73 11.89 -1.73
N ARG A 132 -4.71 11.88 -1.78
CA ARG A 132 -6.05 12.44 -1.40
CA ARG A 132 -6.08 12.37 -1.50
C ARG A 132 -6.82 11.64 -0.37
C ARG A 132 -6.82 11.63 -0.39
N LEU A 133 -6.26 10.50 0.04
CA LEU A 133 -6.83 9.66 1.09
C LEU A 133 -5.68 8.97 1.75
N LYS A 134 -5.46 9.21 3.04
CA LYS A 134 -4.28 8.70 3.73
C LYS A 134 -4.58 8.65 5.20
N TYR A 135 -3.81 7.85 5.91
CA TYR A 135 -4.05 7.63 7.35
C TYR A 135 -2.84 7.16 8.06
N SER A 136 -2.78 7.57 9.32
CA SER A 136 -1.75 7.10 10.25
C SER A 136 -2.08 5.72 10.82
N VAL A 137 -1.04 4.94 11.06
CA VAL A 137 -1.21 3.58 11.57
C VAL A 137 -0.14 3.29 12.59
N LYS A 138 -0.56 2.60 13.64
CA LYS A 138 0.30 2.15 14.72
C LYS A 138 0.40 0.64 14.67
N LEU A 139 1.62 0.15 14.68
CA LEU A 139 1.88 -1.28 14.69
C LEU A 139 1.26 -1.97 15.91
N VAL A 140 0.55 -3.07 15.67
N VAL A 140 0.54 -3.08 15.69
CA VAL A 140 -0.04 -3.87 16.75
CA VAL A 140 -0.05 -3.85 16.83
C VAL A 140 0.63 -5.24 16.88
C VAL A 140 0.34 -5.35 16.86
N GLU A 141 0.84 -5.90 15.74
CA GLU A 141 1.36 -7.24 15.69
C GLU A 141 2.11 -7.45 14.40
N HIS A 142 3.21 -8.21 14.39
CA HIS A 142 3.72 -8.68 13.08
C HIS A 142 3.91 -10.19 13.15
N GLN A 143 3.45 -10.90 12.14
CA GLN A 143 3.61 -12.37 12.11
C GLN A 143 4.50 -12.74 10.93
N HIS A 144 5.57 -13.47 11.23
CA HIS A 144 6.43 -13.99 10.19
C HIS A 144 5.81 -15.25 9.58
N LEU A 145 5.74 -15.29 8.25
CA LEU A 145 5.27 -16.46 7.52
C LEU A 145 6.50 -17.19 6.95
N ALA A 146 6.90 -18.24 7.66
CA ALA A 146 8.07 -19.06 7.28
C ALA A 146 7.87 -19.81 5.95
N ILE A 147 6.61 -20.05 5.58
CA ILE A 147 6.30 -20.74 4.31
C ILE A 147 6.99 -20.07 3.13
N ASN A 148 7.13 -18.75 3.14
CA ASN A 148 7.88 -18.09 2.07
C ASN A 148 8.62 -16.83 2.50
N GLY A 149 8.89 -16.67 3.79
CA GLY A 149 9.64 -15.51 4.26
C GLY A 149 8.96 -14.15 4.23
N THR A 150 7.64 -14.10 4.15
CA THR A 150 6.96 -12.82 4.13
C THR A 150 6.65 -12.43 5.58
N GLU A 151 6.29 -11.17 5.79
CA GLU A 151 5.88 -10.65 7.07
C GLU A 151 4.49 -10.12 6.91
N PHE A 152 3.61 -10.48 7.85
CA PHE A 152 2.23 -10.01 7.86
C PHE A 152 2.17 -9.01 8.97
N VAL A 153 2.13 -7.75 8.55
CA VAL A 153 2.13 -6.60 9.43
C VAL A 153 0.70 -6.10 9.69
N ILE A 154 0.33 -6.03 10.97
CA ILE A 154 -1.01 -5.65 11.41
C ILE A 154 -0.93 -4.38 12.21
N GLY A 155 -1.70 -3.37 11.81
CA GLY A 155 -1.68 -2.10 12.52
C GLY A 155 -3.06 -1.53 12.71
N GLU A 156 -3.17 -0.65 13.71
N GLU A 156 -3.16 -0.64 13.69
CA GLU A 156 -4.42 0.03 14.06
CA GLU A 156 -4.43 0.00 14.00
C GLU A 156 -4.44 1.41 13.39
C GLU A 156 -4.46 1.40 13.42
N ILE A 157 -5.53 1.72 12.72
CA ILE A 157 -5.69 3.01 12.09
C ILE A 157 -5.89 4.05 13.17
N VAL A 158 -5.18 5.18 13.07
CA VAL A 158 -5.29 6.26 14.04
C VAL A 158 -6.18 7.39 13.43
N ASP A 159 -5.55 8.27 12.64
N ASP A 159 -5.59 8.27 12.63
CA ASP A 159 -6.17 9.41 12.03
CA ASP A 159 -6.34 9.34 12.02
C ASP A 159 -6.32 9.21 10.50
C ASP A 159 -6.32 9.25 10.50
N VAL A 160 -7.43 9.67 9.91
CA VAL A 160 -7.65 9.66 8.43
C VAL A 160 -7.80 11.07 7.89
N TYR A 161 -7.22 11.30 6.70
CA TYR A 161 -7.22 12.59 6.02
C TYR A 161 -7.70 12.32 4.63
N VAL A 162 -8.70 13.09 4.20
CA VAL A 162 -9.31 12.81 2.94
C VAL A 162 -9.81 14.10 2.30
N ASP A 163 -9.73 14.15 0.98
CA ASP A 163 -10.22 15.32 0.26
C ASP A 163 -11.65 15.64 0.71
N ASP A 164 -11.95 16.93 0.74
CA ASP A 164 -13.28 17.39 1.09
C ASP A 164 -14.27 16.82 0.12
N ASN A 165 -15.46 16.55 0.62
CA ASN A 165 -16.59 16.07 -0.17
C ASN A 165 -16.53 14.60 -0.65
N ALA A 166 -15.45 13.88 -0.35
CA ALA A 166 -15.25 12.52 -0.80
C ALA A 166 -16.04 11.47 0.00
N VAL A 167 -16.19 11.71 1.28
CA VAL A 167 -16.85 10.80 2.21
C VAL A 167 -18.34 11.09 2.24
N GLN A 168 -19.15 10.13 1.80
CA GLN A 168 -20.61 10.29 1.74
C GLN A 168 -21.20 10.12 3.13
N THR A 169 -22.47 10.46 3.34
CA THR A 169 -23.06 10.44 4.68
C THR A 169 -23.18 9.02 5.27
N ASP A 170 -23.21 8.02 4.41
CA ASP A 170 -23.21 6.64 4.90
C ASP A 170 -21.82 6.08 5.10
N GLY A 171 -20.76 6.88 4.93
CA GLY A 171 -19.38 6.46 5.16
C GLY A 171 -18.67 6.00 3.92
N PHE A 172 -19.42 5.74 2.83
CA PHE A 172 -18.79 5.29 1.58
C PHE A 172 -17.89 6.37 0.96
N ILE A 173 -16.77 5.95 0.40
CA ILE A 173 -15.85 6.83 -0.35
C ILE A 173 -15.73 6.34 -1.78
N ASP A 174 -16.09 7.18 -2.77
CA ASP A 174 -16.01 6.76 -4.16
C ASP A 174 -14.58 6.89 -4.56
N LEU A 175 -13.95 5.75 -4.77
CA LEU A 175 -12.52 5.72 -5.10
C LEU A 175 -12.24 6.27 -6.48
N GLN A 176 -13.19 6.16 -7.43
CA GLN A 176 -13.00 6.71 -8.77
C GLN A 176 -13.04 8.25 -8.74
N ALA A 177 -13.90 8.81 -7.89
CA ALA A 177 -14.03 10.25 -7.76
C ALA A 177 -12.77 10.89 -7.18
N ILE A 178 -12.02 10.20 -6.32
CA ILE A 178 -10.74 10.76 -5.82
C ILE A 178 -9.54 10.23 -6.62
N ASP A 179 -9.85 9.51 -7.68
N ASP A 179 -9.81 9.62 -7.77
CA ASP A 179 -8.88 9.07 -8.66
CA ASP A 179 -8.79 9.10 -8.70
C ASP A 179 -7.84 8.11 -8.10
C ASP A 179 -7.81 8.09 -8.12
N THR A 180 -8.25 7.27 -7.15
CA THR A 180 -7.41 6.18 -6.61
C THR A 180 -7.13 5.22 -7.80
N VAL A 181 -5.92 4.67 -7.80
CA VAL A 181 -5.50 3.70 -8.82
C VAL A 181 -5.42 2.28 -8.20
N ALA A 182 -5.65 1.30 -9.08
CA ALA A 182 -5.48 -0.10 -8.75
C ALA A 182 -4.27 -0.68 -9.48
N ILE A 183 -3.78 -1.81 -8.99
CA ILE A 183 -2.66 -2.51 -9.62
C ILE A 183 -3.10 -3.90 -10.06
N SER A 184 -2.54 -4.43 -11.17
CA SER A 184 -2.64 -5.87 -11.39
C SER A 184 -1.24 -6.35 -11.74
N GLY A 185 -1.00 -7.62 -11.51
CA GLY A 185 0.28 -8.23 -11.79
C GLY A 185 1.34 -7.53 -10.94
N LEU A 186 2.54 -7.36 -11.48
CA LEU A 186 3.64 -6.70 -10.78
C LEU A 186 3.78 -5.22 -11.11
N ASP A 187 3.15 -4.82 -12.19
CA ASP A 187 3.48 -3.50 -12.80
C ASP A 187 2.42 -2.77 -13.61
N CYS A 188 1.17 -3.18 -13.49
CA CYS A 188 0.12 -2.57 -14.30
C CYS A 188 -0.77 -1.73 -13.42
N TYR A 189 -1.01 -0.48 -13.86
CA TYR A 189 -1.82 0.48 -13.12
C TYR A 189 -3.13 0.78 -13.86
N TYR A 190 -4.20 0.95 -13.11
CA TYR A 190 -5.52 1.20 -13.65
C TYR A 190 -6.30 2.20 -12.85
N THR A 191 -7.26 2.89 -13.49
CA THR A 191 -8.28 3.62 -12.71
C THR A 191 -9.52 2.72 -12.65
N GLY A 192 -10.46 3.04 -11.77
CA GLY A 192 -11.67 2.25 -11.60
C GLY A 192 -12.78 2.97 -12.34
N ASP A 193 -13.68 2.18 -12.96
CA ASP A 193 -14.87 2.71 -13.61
C ASP A 193 -16.04 2.04 -12.92
N LYS A 194 -16.77 2.82 -12.15
CA LYS A 194 -17.79 2.29 -11.28
C LYS A 194 -18.93 1.68 -12.06
N LEU A 195 -19.38 0.53 -11.60
CA LEU A 195 -20.49 -0.19 -12.18
C LEU A 195 -21.71 0.14 -11.36
N ALA A 196 -21.69 -0.23 -10.09
CA ALA A 196 -22.80 0.05 -9.16
C ALA A 196 -22.44 -0.34 -7.73
N ARG A 197 -23.17 0.24 -6.77
CA ARG A 197 -23.21 -0.25 -5.39
C ARG A 197 -24.43 -1.11 -5.29
N LEU A 198 -24.31 -2.29 -4.68
CA LEU A 198 -25.40 -3.22 -4.56
C LEU A 198 -25.80 -3.31 -3.12
N PRO A 199 -27.09 -3.47 -2.84
CA PRO A 199 -27.55 -3.49 -1.45
C PRO A 199 -27.22 -4.77 -0.72
N TYR A 200 -27.32 -4.77 0.61
CA TYR A 200 -27.12 -5.99 1.43
C TYR A 200 -28.01 -7.11 0.83
N ALA A 201 -27.38 -8.14 0.25
CA ALA A 201 -28.08 -9.24 -0.45
C ALA A 201 -29.10 -10.00 0.42
CA CA B . 10.32 14.92 -3.42
CA CA C . -4.83 -27.12 -23.37
C1 EDO D . -6.45 15.51 2.46
O1 EDO D . -7.00 16.21 1.36
C2 EDO D . -5.51 14.48 1.88
O2 EDO D . -4.28 15.16 1.60
#